data_6APE
#
_entry.id   6APE
#
_cell.length_a   69.880
_cell.length_b   109.040
_cell.length_c   83.800
_cell.angle_alpha   90.000
_cell.angle_beta   90.000
_cell.angle_gamma   90.000
#
_symmetry.space_group_name_H-M   'C 2 2 21'
#
loop_
_entity.id
_entity.type
_entity.pdbx_description
1 polymer 'Bifunctional protein FolD'
2 non-polymer 'SODIUM ION'
3 non-polymer GLYCEROL
4 water water
#
_entity_poly.entity_id   1
_entity_poly.type   'polypeptide(L)'
_entity_poly.pdbx_seq_one_letter_code
;MAHHHHHHMPNRGVVLLDGQALAYSIEKDLKNKIQIITVQVHKRPKLAVILVGKDPASITYVNMKIKACERVGMDFDLKT
LQENVTEAELLSLIKDYNTDQNISGVLVQLPLPRHIDSKMVLEAIDPSKDVDGFHPLNIGKLCTQKESFLPATPMGVMRL
LKHYHIEIKGKDVAIIGASNIIGKPLSMLMLNAGASVSVCHILTKDISFYTQNADIVCVGVGKPDLIKASMLKKGAVVVD
IGINHLNDGRIVGDVDFTNAQKVAGFITPVPKGVGPMTIVSLLENTLIAFEKQQRKGF
;
_entity_poly.pdbx_strand_id   A
#
loop_
_chem_comp.id
_chem_comp.type
_chem_comp.name
_chem_comp.formula
GOL non-polymer GLYCEROL 'C3 H8 O3'
NA non-polymer 'SODIUM ION' 'Na 1'
#
# COMPACT_ATOMS: atom_id res chain seq x y z
N GLY A 13 -23.72 0.04 16.63
CA GLY A 13 -23.23 -1.15 15.96
C GLY A 13 -21.97 -0.89 15.17
N VAL A 14 -20.91 -1.65 15.48
CA VAL A 14 -19.63 -1.48 14.80
C VAL A 14 -19.75 -2.00 13.37
N VAL A 15 -19.06 -1.33 12.46
CA VAL A 15 -19.06 -1.67 11.04
C VAL A 15 -17.69 -2.27 10.68
N LEU A 16 -17.72 -3.43 10.02
CA LEU A 16 -16.48 -4.02 9.53
C LEU A 16 -16.05 -3.32 8.25
N LEU A 17 -14.81 -2.85 8.20
CA LEU A 17 -14.24 -2.24 7.00
C LEU A 17 -13.72 -3.40 6.15
N ASP A 18 -14.59 -3.90 5.27
CA ASP A 18 -14.38 -5.16 4.58
C ASP A 18 -13.53 -4.92 3.35
N GLY A 19 -12.21 -4.83 3.57
CA GLY A 19 -11.30 -4.60 2.47
C GLY A 19 -11.32 -5.70 1.43
N GLN A 20 -11.53 -6.95 1.84
CA GLN A 20 -11.56 -8.03 0.86
CA GLN A 20 -11.57 -8.04 0.87
C GLN A 20 -12.72 -7.86 -0.11
N ALA A 21 -13.91 -7.54 0.41
CA ALA A 21 -15.07 -7.37 -0.44
C ALA A 21 -14.90 -6.18 -1.37
N LEU A 22 -14.36 -5.07 -0.87
CA LEU A 22 -14.13 -3.90 -1.71
C LEU A 22 -13.11 -4.21 -2.80
N ALA A 23 -12.00 -4.88 -2.43
CA ALA A 23 -11.00 -5.25 -3.43
C ALA A 23 -11.59 -6.12 -4.54
N TYR A 24 -12.43 -7.10 -4.17
CA TYR A 24 -13.04 -7.94 -5.19
C TYR A 24 -13.95 -7.13 -6.11
N SER A 25 -14.67 -6.15 -5.54
CA SER A 25 -15.54 -5.32 -6.36
C SER A 25 -14.73 -4.48 -7.33
N ILE A 26 -13.60 -3.93 -6.86
CA ILE A 26 -12.74 -3.15 -7.73
C ILE A 26 -12.10 -4.03 -8.79
N GLU A 27 -11.70 -5.25 -8.41
CA GLU A 27 -11.12 -6.17 -9.38
C GLU A 27 -12.08 -6.47 -10.52
N LYS A 28 -13.37 -6.59 -10.23
CA LYS A 28 -14.35 -6.80 -11.29
C LYS A 28 -14.35 -5.64 -12.27
N ASP A 29 -14.20 -4.40 -11.77
CA ASP A 29 -14.12 -3.24 -12.66
C ASP A 29 -12.84 -3.29 -13.50
N LEU A 30 -11.71 -3.59 -12.87
CA LEU A 30 -10.45 -3.67 -13.60
C LEU A 30 -10.53 -4.74 -14.70
N LYS A 31 -11.06 -5.92 -14.36
CA LYS A 31 -11.18 -6.97 -15.36
C LYS A 31 -11.98 -6.50 -16.56
N ASN A 32 -13.08 -5.78 -16.32
CA ASN A 32 -13.93 -5.31 -17.41
C ASN A 32 -13.23 -4.24 -18.24
N LYS A 33 -12.53 -3.30 -17.57
CA LYS A 33 -11.84 -2.25 -18.31
C LYS A 33 -10.72 -2.82 -19.17
N ILE A 34 -10.00 -3.81 -18.65
CA ILE A 34 -8.90 -4.42 -19.39
C ILE A 34 -9.42 -5.23 -20.57
N GLN A 35 -10.56 -5.90 -20.40
CA GLN A 35 -11.17 -6.61 -21.52
C GLN A 35 -11.49 -5.66 -22.66
N ILE A 36 -12.00 -4.47 -22.34
CA ILE A 36 -12.32 -3.49 -23.37
C ILE A 36 -11.03 -3.02 -24.05
N ILE A 37 -10.00 -2.72 -23.27
CA ILE A 37 -8.73 -2.27 -23.85
C ILE A 37 -8.16 -3.32 -24.78
N THR A 38 -8.17 -4.58 -24.35
CA THR A 38 -7.59 -5.65 -25.16
C THR A 38 -8.26 -5.74 -26.53
N VAL A 39 -9.57 -5.52 -26.59
CA VAL A 39 -10.29 -5.65 -27.85
C VAL A 39 -10.15 -4.37 -28.68
N GLN A 40 -10.14 -3.21 -28.03
CA GLN A 40 -10.09 -1.95 -28.75
C GLN A 40 -8.71 -1.69 -29.36
N VAL A 41 -7.65 -1.77 -28.55
CA VAL A 41 -6.31 -1.39 -29.01
C VAL A 41 -5.36 -2.56 -29.09
N HIS A 42 -5.81 -3.79 -28.82
CA HIS A 42 -4.98 -4.99 -28.98
C HIS A 42 -3.70 -4.90 -28.15
N LYS A 43 -3.82 -4.34 -26.95
CA LYS A 43 -2.74 -4.28 -25.99
C LYS A 43 -3.34 -4.55 -24.62
N ARG A 44 -2.50 -4.91 -23.67
CA ARG A 44 -2.92 -5.10 -22.29
C ARG A 44 -1.93 -4.40 -21.38
N PRO A 45 -2.37 -3.86 -20.25
CA PRO A 45 -1.41 -3.43 -19.24
C PRO A 45 -0.58 -4.62 -18.80
N LYS A 46 0.69 -4.35 -18.51
CA LYS A 46 1.62 -5.42 -18.17
C LYS A 46 2.51 -4.96 -17.03
N LEU A 47 2.60 -5.78 -16.00
CA LEU A 47 3.39 -5.49 -14.81
C LEU A 47 4.66 -6.33 -14.84
N ALA A 48 5.81 -5.67 -14.77
CA ALA A 48 7.09 -6.36 -14.58
C ALA A 48 7.38 -6.46 -13.09
N VAL A 49 7.68 -7.68 -12.62
CA VAL A 49 7.96 -7.94 -11.22
C VAL A 49 9.36 -8.55 -11.14
N ILE A 50 10.21 -7.95 -10.32
CA ILE A 50 11.57 -8.44 -10.13
C ILE A 50 11.68 -8.98 -8.70
N LEU A 51 12.05 -10.25 -8.59
CA LEU A 51 12.32 -10.88 -7.30
C LEU A 51 13.79 -11.27 -7.25
N VAL A 52 14.48 -10.82 -6.19
CA VAL A 52 15.88 -11.15 -5.98
C VAL A 52 15.96 -12.11 -4.80
N GLY A 53 16.52 -13.28 -5.04
CA GLY A 53 16.69 -14.25 -3.98
C GLY A 53 15.44 -15.08 -3.76
N LYS A 54 15.44 -15.78 -2.62
CA LYS A 54 14.41 -16.77 -2.34
C LYS A 54 13.85 -16.64 -0.93
N ASP A 55 13.74 -15.42 -0.43
CA ASP A 55 13.11 -15.18 0.86
C ASP A 55 11.69 -15.73 0.83
N PRO A 56 11.30 -16.62 1.75
CA PRO A 56 9.96 -17.21 1.68
C PRO A 56 8.82 -16.21 1.65
N ALA A 57 8.84 -15.20 2.53
CA ALA A 57 7.76 -14.23 2.56
C ALA A 57 7.71 -13.43 1.26
N SER A 58 8.88 -13.07 0.72
CA SER A 58 8.92 -12.34 -0.55
C SER A 58 8.31 -13.16 -1.68
N ILE A 59 8.61 -14.46 -1.70
CA ILE A 59 7.98 -15.36 -2.68
C ILE A 59 6.46 -15.32 -2.56
N THR A 60 5.95 -15.37 -1.33
CA THR A 60 4.49 -15.31 -1.12
CA THR A 60 4.49 -15.32 -1.15
C THR A 60 3.92 -13.99 -1.64
N TYR A 61 4.61 -12.89 -1.37
CA TYR A 61 4.11 -11.59 -1.82
C TYR A 61 4.12 -11.50 -3.34
N VAL A 62 5.19 -11.98 -3.98
CA VAL A 62 5.24 -12.00 -5.45
C VAL A 62 4.08 -12.83 -6.00
N ASN A 63 3.81 -13.99 -5.42
CA ASN A 63 2.72 -14.82 -5.91
C ASN A 63 1.38 -14.13 -5.74
N MET A 64 1.17 -13.43 -4.63
CA MET A 64 -0.07 -12.68 -4.45
C MET A 64 -0.25 -11.64 -5.55
N LYS A 65 0.84 -10.96 -5.92
CA LYS A 65 0.76 -9.94 -6.96
C LYS A 65 0.46 -10.55 -8.32
N ILE A 66 1.13 -11.67 -8.65
CA ILE A 66 0.93 -12.32 -9.93
C ILE A 66 -0.48 -12.89 -10.02
N LYS A 67 -0.96 -13.53 -8.96
CA LYS A 67 -2.32 -14.08 -8.99
C LYS A 67 -3.36 -12.98 -9.17
N ALA A 68 -3.13 -11.81 -8.56
CA ALA A 68 -4.03 -10.69 -8.74
C ALA A 68 -4.06 -10.23 -10.20
N CYS A 69 -2.88 -10.11 -10.83
CA CYS A 69 -2.83 -9.81 -12.26
C CYS A 69 -3.66 -10.81 -13.04
N GLU A 70 -3.53 -12.09 -12.71
CA GLU A 70 -4.25 -13.13 -13.45
C GLU A 70 -5.76 -12.98 -13.28
N ARG A 71 -6.21 -12.61 -12.07
CA ARG A 71 -7.64 -12.45 -11.83
C ARG A 71 -8.25 -11.39 -12.72
N VAL A 72 -7.52 -10.32 -13.03
CA VAL A 72 -8.07 -9.21 -13.81
C VAL A 72 -7.62 -9.21 -15.27
N GLY A 73 -6.86 -10.22 -15.70
CA GLY A 73 -6.43 -10.26 -17.09
C GLY A 73 -5.27 -9.35 -17.41
N MET A 74 -4.52 -8.93 -16.41
CA MET A 74 -3.36 -8.08 -16.62
C MET A 74 -2.16 -8.98 -16.92
N ASP A 75 -1.38 -8.61 -17.93
CA ASP A 75 -0.19 -9.36 -18.24
C ASP A 75 0.89 -9.07 -17.20
N PHE A 76 1.88 -9.96 -17.14
CA PHE A 76 2.98 -9.77 -16.20
C PHE A 76 4.23 -10.45 -16.74
N ASP A 77 5.37 -10.02 -16.21
CA ASP A 77 6.65 -10.66 -16.47
CA ASP A 77 6.66 -10.66 -16.48
C ASP A 77 7.36 -10.78 -15.13
N LEU A 78 7.57 -12.01 -14.68
CA LEU A 78 8.28 -12.28 -13.43
C LEU A 78 9.72 -12.63 -13.76
N LYS A 79 10.65 -11.82 -13.29
CA LYS A 79 12.07 -12.05 -13.45
C LYS A 79 12.62 -12.41 -12.07
N THR A 80 13.15 -13.62 -11.96
CA THR A 80 13.76 -14.10 -10.73
C THR A 80 15.27 -14.03 -10.89
N LEU A 81 15.93 -13.37 -9.93
CA LEU A 81 17.37 -13.22 -9.94
C LEU A 81 17.94 -13.91 -8.71
N GLN A 82 19.19 -14.36 -8.83
CA GLN A 82 19.85 -14.98 -7.70
C GLN A 82 20.14 -13.94 -6.63
N GLU A 83 20.26 -14.41 -5.39
CA GLU A 83 20.51 -13.51 -4.28
C GLU A 83 21.83 -12.76 -4.43
N ASN A 84 22.79 -13.32 -5.16
CA ASN A 84 24.09 -12.70 -5.36
C ASN A 84 24.15 -11.85 -6.63
N VAL A 85 23.00 -11.51 -7.22
CA VAL A 85 22.98 -10.66 -8.41
C VAL A 85 23.69 -9.35 -8.13
N THR A 86 24.36 -8.83 -9.15
CA THR A 86 25.05 -7.56 -9.01
C THR A 86 24.08 -6.40 -9.20
N GLU A 87 24.43 -5.27 -8.60
CA GLU A 87 23.64 -4.07 -8.77
C GLU A 87 23.59 -3.67 -10.24
N ALA A 88 24.73 -3.79 -10.93
CA ALA A 88 24.78 -3.44 -12.35
C ALA A 88 23.79 -4.26 -13.17
N GLU A 89 23.70 -5.57 -12.91
CA GLU A 89 22.73 -6.37 -13.65
CA GLU A 89 22.73 -6.39 -13.63
C GLU A 89 21.31 -5.93 -13.35
N LEU A 90 20.99 -5.68 -12.08
CA LEU A 90 19.65 -5.24 -11.73
C LEU A 90 19.32 -3.91 -12.39
N LEU A 91 20.26 -2.96 -12.38
CA LEU A 91 20.03 -1.68 -13.04
C LEU A 91 19.80 -1.83 -14.53
N SER A 92 20.56 -2.73 -15.18
CA SER A 92 20.42 -2.91 -16.62
C SER A 92 19.06 -3.52 -16.96
N LEU A 93 18.56 -4.41 -16.10
CA LEU A 93 17.23 -4.97 -16.31
C LEU A 93 16.15 -3.91 -16.17
N ILE A 94 16.27 -3.07 -15.13
CA ILE A 94 15.29 -1.99 -14.94
C ILE A 94 15.31 -1.04 -16.13
N LYS A 95 16.49 -0.71 -16.65
CA LYS A 95 16.57 0.17 -17.81
C LYS A 95 15.79 -0.41 -18.98
N ASP A 96 15.95 -1.70 -19.24
CA ASP A 96 15.23 -2.34 -20.34
C ASP A 96 13.72 -2.34 -20.09
N TYR A 97 13.29 -2.57 -18.85
CA TYR A 97 11.85 -2.48 -18.58
C TYR A 97 11.34 -1.06 -18.77
N ASN A 98 12.15 -0.06 -18.37
CA ASN A 98 11.76 1.33 -18.57
C ASN A 98 11.55 1.66 -20.04
N THR A 99 12.38 1.08 -20.92
CA THR A 99 12.29 1.47 -22.32
CA THR A 99 12.38 1.40 -22.34
C THR A 99 11.32 0.60 -23.12
N ASP A 100 10.89 -0.52 -22.58
CA ASP A 100 9.97 -1.40 -23.29
C ASP A 100 8.57 -0.81 -23.21
N GLN A 101 8.04 -0.35 -24.35
CA GLN A 101 6.73 0.28 -24.35
C GLN A 101 5.62 -0.68 -23.95
N ASN A 102 5.87 -1.99 -24.05
CA ASN A 102 4.85 -2.96 -23.66
C ASN A 102 4.81 -3.20 -22.15
N ILE A 103 5.75 -2.63 -21.39
CA ILE A 103 5.77 -2.76 -19.95
C ILE A 103 5.13 -1.51 -19.37
N SER A 104 4.04 -1.70 -18.61
CA SER A 104 3.31 -0.57 -18.06
C SER A 104 3.87 -0.15 -16.69
N GLY A 105 4.09 -1.13 -15.82
CA GLY A 105 4.59 -0.86 -14.48
C GLY A 105 5.77 -1.76 -14.18
N VAL A 106 6.63 -1.28 -13.29
CA VAL A 106 7.81 -2.00 -12.86
C VAL A 106 7.81 -2.01 -11.34
N LEU A 107 7.93 -3.20 -10.76
CA LEU A 107 7.91 -3.41 -9.32
C LEU A 107 9.12 -4.25 -8.95
N VAL A 108 9.88 -3.80 -7.95
CA VAL A 108 10.95 -4.60 -7.36
C VAL A 108 10.47 -5.06 -5.99
N GLN A 109 10.47 -6.38 -5.77
CA GLN A 109 10.04 -6.91 -4.49
C GLN A 109 11.09 -6.61 -3.42
N LEU A 110 10.64 -6.08 -2.30
CA LEU A 110 11.56 -5.79 -1.20
C LEU A 110 11.40 -6.83 -0.10
N PRO A 111 12.44 -7.08 0.70
CA PRO A 111 13.74 -6.40 0.71
C PRO A 111 14.72 -6.94 -0.32
N LEU A 112 15.64 -6.09 -0.72
CA LEU A 112 16.78 -6.48 -1.54
C LEU A 112 17.95 -6.90 -0.64
N PRO A 113 18.91 -7.62 -1.20
CA PRO A 113 20.08 -8.03 -0.41
C PRO A 113 20.88 -6.82 0.05
N ARG A 114 21.62 -7.01 1.14
CA ARG A 114 22.34 -5.91 1.76
C ARG A 114 23.39 -5.31 0.84
N HIS A 115 23.96 -6.10 -0.07
CA HIS A 115 25.00 -5.58 -0.95
C HIS A 115 24.43 -4.70 -2.07
N ILE A 116 23.12 -4.60 -2.17
CA ILE A 116 22.47 -3.77 -3.17
CA ILE A 116 22.45 -3.76 -3.18
C ILE A 116 21.97 -2.49 -2.51
N ASP A 117 22.25 -1.35 -3.14
CA ASP A 117 21.75 -0.06 -2.67
C ASP A 117 20.29 0.04 -3.11
N SER A 118 19.37 -0.23 -2.17
CA SER A 118 17.95 -0.26 -2.50
C SER A 118 17.45 1.09 -2.99
N LYS A 119 17.87 2.18 -2.36
CA LYS A 119 17.35 3.49 -2.77
C LYS A 119 17.78 3.82 -4.19
N MET A 120 19.01 3.44 -4.56
CA MET A 120 19.47 3.67 -5.93
C MET A 120 18.71 2.81 -6.93
N VAL A 121 18.47 1.55 -6.59
CA VAL A 121 17.76 0.66 -7.51
C VAL A 121 16.35 1.17 -7.75
N LEU A 122 15.67 1.56 -6.68
CA LEU A 122 14.31 2.06 -6.81
C LEU A 122 14.28 3.38 -7.57
N GLU A 123 15.28 4.24 -7.39
CA GLU A 123 15.34 5.50 -8.13
CA GLU A 123 15.29 5.49 -8.13
C GLU A 123 15.56 5.27 -9.62
N ALA A 124 16.10 4.10 -10.00
CA ALA A 124 16.31 3.80 -11.41
C ALA A 124 15.02 3.43 -12.12
N ILE A 125 13.96 3.04 -11.41
CA ILE A 125 12.68 2.80 -12.06
C ILE A 125 12.18 4.13 -12.62
N ASP A 126 11.71 4.12 -13.86
CA ASP A 126 11.17 5.35 -14.38
C ASP A 126 9.93 5.76 -13.57
N PRO A 127 9.84 7.02 -13.14
CA PRO A 127 8.68 7.41 -12.33
C PRO A 127 7.34 7.17 -13.00
N SER A 128 7.29 7.11 -14.33
CA SER A 128 6.05 6.86 -15.06
C SER A 128 5.61 5.40 -14.99
N LYS A 129 6.46 4.53 -14.45
CA LYS A 129 6.17 3.10 -14.31
C LYS A 129 6.23 2.65 -12.87
N ASP A 130 6.35 3.60 -11.94
CA ASP A 130 6.59 3.31 -10.52
C ASP A 130 5.27 3.03 -9.81
N VAL A 131 4.76 1.82 -10.03
CA VAL A 131 3.45 1.46 -9.50
C VAL A 131 3.46 1.27 -7.99
N ASP A 132 4.61 1.05 -7.37
CA ASP A 132 4.70 1.07 -5.91
C ASP A 132 4.75 2.48 -5.33
N GLY A 133 4.92 3.52 -6.15
CA GLY A 133 5.04 4.86 -5.59
C GLY A 133 6.28 5.09 -4.74
N PHE A 134 7.33 4.31 -4.93
CA PHE A 134 8.51 4.43 -4.10
C PHE A 134 9.57 5.36 -4.66
N HIS A 135 9.41 5.82 -5.89
CA HIS A 135 10.41 6.72 -6.44
C HIS A 135 10.30 8.09 -5.75
N PRO A 136 11.43 8.68 -5.35
CA PRO A 136 11.34 9.96 -4.62
C PRO A 136 10.64 11.06 -5.40
N LEU A 137 10.68 11.04 -6.73
CA LEU A 137 9.93 12.05 -7.49
C LEU A 137 8.44 11.92 -7.23
N ASN A 138 7.94 10.68 -7.16
CA ASN A 138 6.53 10.47 -6.89
C ASN A 138 6.19 10.80 -5.45
N ILE A 139 7.05 10.43 -4.51
CA ILE A 139 6.82 10.80 -3.11
CA ILE A 139 6.83 10.80 -3.11
C ILE A 139 6.78 12.31 -2.97
N GLY A 140 7.73 13.01 -3.61
CA GLY A 140 7.75 14.46 -3.52
C GLY A 140 6.53 15.12 -4.14
N LYS A 141 6.03 14.56 -5.24
CA LYS A 141 4.80 15.06 -5.83
C LYS A 141 3.60 14.84 -4.91
N LEU A 142 3.51 13.67 -4.27
CA LEU A 142 2.45 13.48 -3.29
CA LEU A 142 2.47 13.44 -3.27
C LEU A 142 2.52 14.51 -2.19
N CYS A 143 3.73 14.80 -1.69
CA CYS A 143 3.93 15.76 -0.61
CA CYS A 143 3.88 15.72 -0.59
C CYS A 143 3.54 17.17 -0.99
N THR A 144 3.56 17.48 -2.28
CA THR A 144 3.29 18.84 -2.76
C THR A 144 2.01 18.92 -3.58
N GLN A 145 1.12 17.95 -3.42
CA GLN A 145 -0.23 17.96 -4.01
C GLN A 145 -0.20 17.99 -5.53
N LYS A 146 0.71 17.22 -6.11
CA LYS A 146 0.76 16.99 -7.55
CA LYS A 146 0.76 16.99 -7.55
C LYS A 146 0.42 15.54 -7.80
N GLU A 147 -0.44 15.29 -8.78
CA GLU A 147 -0.95 13.95 -9.00
C GLU A 147 0.12 13.04 -9.58
N SER A 148 0.39 11.93 -8.89
CA SER A 148 1.22 10.88 -9.45
CA SER A 148 1.37 10.93 -9.28
C SER A 148 0.95 9.59 -8.67
N PHE A 149 1.82 8.59 -8.83
CA PHE A 149 1.53 7.27 -8.28
C PHE A 149 1.60 7.30 -6.77
N LEU A 150 0.54 6.80 -6.13
CA LEU A 150 0.51 6.72 -4.67
C LEU A 150 1.04 5.36 -4.23
N PRO A 151 1.76 5.26 -3.11
CA PRO A 151 2.12 3.94 -2.60
C PRO A 151 0.88 3.12 -2.31
N ALA A 152 0.98 1.81 -2.55
CA ALA A 152 -0.22 0.99 -2.67
C ALA A 152 -0.95 0.86 -1.33
N THR A 153 -0.21 0.71 -0.22
CA THR A 153 -0.90 0.57 1.07
C THR A 153 -1.65 1.84 1.45
N PRO A 154 -1.02 3.02 1.46
CA PRO A 154 -1.79 4.24 1.75
C PRO A 154 -2.92 4.46 0.77
N MET A 155 -2.69 4.21 -0.52
CA MET A 155 -3.73 4.35 -1.51
C MET A 155 -4.93 3.50 -1.17
N GLY A 156 -4.70 2.24 -0.79
CA GLY A 156 -5.78 1.34 -0.47
C GLY A 156 -6.52 1.74 0.77
N VAL A 157 -5.80 2.29 1.75
CA VAL A 157 -6.46 2.77 2.98
C VAL A 157 -7.42 3.90 2.66
N MET A 158 -6.95 4.89 1.90
CA MET A 158 -7.83 6.02 1.57
C MET A 158 -9.03 5.56 0.76
N ARG A 159 -8.82 4.60 -0.14
CA ARG A 159 -9.90 4.10 -0.98
C ARG A 159 -10.94 3.36 -0.14
N LEU A 160 -10.47 2.61 0.86
CA LEU A 160 -11.37 1.91 1.76
C LEU A 160 -12.21 2.88 2.58
N LEU A 161 -11.57 3.93 3.10
CA LEU A 161 -12.31 4.93 3.85
C LEU A 161 -13.32 5.65 2.96
N LYS A 162 -12.95 5.92 1.70
CA LYS A 162 -13.87 6.58 0.79
C LYS A 162 -15.11 5.73 0.55
N HIS A 163 -14.91 4.42 0.36
CA HIS A 163 -16.03 3.52 0.11
C HIS A 163 -17.04 3.57 1.25
N TYR A 164 -16.55 3.64 2.49
CA TYR A 164 -17.40 3.69 3.67
C TYR A 164 -17.84 5.11 4.05
N HIS A 165 -17.59 6.09 3.19
CA HIS A 165 -18.03 7.47 3.41
C HIS A 165 -17.50 8.04 4.73
N ILE A 166 -16.26 7.72 5.05
CA ILE A 166 -15.62 8.26 6.26
C ILE A 166 -15.07 9.63 5.92
N GLU A 167 -15.56 10.66 6.60
CA GLU A 167 -15.05 12.01 6.37
CA GLU A 167 -15.05 12.00 6.36
C GLU A 167 -13.65 12.15 6.92
N ILE A 168 -12.78 12.79 6.14
CA ILE A 168 -11.40 13.08 6.52
C ILE A 168 -11.23 14.55 6.90
N LYS A 169 -11.84 15.44 6.14
CA LYS A 169 -11.64 16.87 6.31
C LYS A 169 -12.05 17.31 7.70
N GLY A 170 -11.14 18.03 8.37
CA GLY A 170 -11.39 18.55 9.69
C GLY A 170 -11.26 17.55 10.81
N LYS A 171 -10.96 16.29 10.50
CA LYS A 171 -10.90 15.24 11.51
C LYS A 171 -9.51 15.16 12.10
N ASP A 172 -9.44 14.57 13.29
CA ASP A 172 -8.17 14.31 13.95
C ASP A 172 -7.74 12.87 13.68
N VAL A 173 -6.56 12.70 13.11
CA VAL A 173 -6.10 11.40 12.65
C VAL A 173 -4.76 11.09 13.30
N ALA A 174 -4.63 9.89 13.85
CA ALA A 174 -3.39 9.43 14.45
C ALA A 174 -2.84 8.28 13.60
N ILE A 175 -1.59 8.44 13.13
CA ILE A 175 -0.90 7.43 12.35
CA ILE A 175 -0.91 7.43 12.36
C ILE A 175 0.21 6.85 13.22
N ILE A 176 0.14 5.56 13.48
CA ILE A 176 1.10 4.89 14.35
C ILE A 176 2.01 4.08 13.43
N GLY A 177 3.27 4.48 13.37
CA GLY A 177 4.21 3.98 12.37
C GLY A 177 4.59 5.07 11.40
N ALA A 178 5.89 5.28 11.19
CA ALA A 178 6.38 6.40 10.40
C ALA A 178 7.25 5.94 9.24
N SER A 179 6.91 4.82 8.63
CA SER A 179 7.79 4.27 7.60
C SER A 179 7.66 5.06 6.31
N ASN A 180 8.70 4.94 5.47
CA ASN A 180 8.70 5.61 4.19
C ASN A 180 7.62 5.07 3.26
N ILE A 181 7.21 3.80 3.43
CA ILE A 181 6.30 3.14 2.51
C ILE A 181 4.84 3.08 2.99
N ILE A 182 4.58 3.38 4.26
CA ILE A 182 3.22 3.40 4.79
C ILE A 182 2.93 4.69 5.52
N GLY A 183 3.54 4.88 6.71
CA GLY A 183 3.08 5.93 7.61
C GLY A 183 3.27 7.33 7.06
N LYS A 184 4.45 7.62 6.51
CA LYS A 184 4.70 8.95 5.98
C LYS A 184 3.79 9.29 4.80
N PRO A 185 3.70 8.47 3.74
CA PRO A 185 2.78 8.81 2.65
C PRO A 185 1.33 8.83 3.08
N LEU A 186 0.93 7.93 3.99
CA LEU A 186 -0.44 7.97 4.50
C LEU A 186 -0.72 9.28 5.23
N SER A 187 0.24 9.74 6.04
CA SER A 187 0.07 11.04 6.72
C SER A 187 -0.10 12.16 5.72
N MET A 188 0.60 12.09 4.58
CA MET A 188 0.48 13.14 3.59
C MET A 188 -0.88 13.12 2.91
N LEU A 189 -1.38 11.91 2.59
CA LEU A 189 -2.71 11.80 2.01
C LEU A 189 -3.77 12.33 2.96
N MET A 190 -3.62 12.02 4.26
CA MET A 190 -4.58 12.51 5.25
C MET A 190 -4.52 14.02 5.38
N LEU A 191 -3.31 14.59 5.43
CA LEU A 191 -3.18 16.04 5.51
CA LEU A 191 -3.18 16.05 5.50
C LEU A 191 -3.75 16.71 4.27
N ASN A 192 -3.45 16.16 3.08
CA ASN A 192 -3.95 16.74 1.84
C ASN A 192 -5.47 16.74 1.79
N ALA A 193 -6.10 15.75 2.46
CA ALA A 193 -7.56 15.67 2.55
C ALA A 193 -8.15 16.53 3.66
N GLY A 194 -7.31 17.25 4.41
CA GLY A 194 -7.80 18.19 5.39
C GLY A 194 -7.84 17.72 6.83
N ALA A 195 -7.24 16.57 7.12
CA ALA A 195 -7.19 16.11 8.51
C ALA A 195 -6.04 16.80 9.24
N SER A 196 -6.18 16.86 10.56
CA SER A 196 -5.07 17.22 11.44
C SER A 196 -4.41 15.91 11.84
N VAL A 197 -3.11 15.78 11.59
CA VAL A 197 -2.48 14.46 11.55
C VAL A 197 -1.34 14.42 12.56
N SER A 198 -1.30 13.36 13.35
CA SER A 198 -0.19 13.07 14.23
CA SER A 198 -0.18 13.07 14.23
C SER A 198 0.48 11.79 13.78
N VAL A 199 1.81 11.79 13.75
CA VAL A 199 2.58 10.62 13.35
C VAL A 199 3.39 10.18 14.55
N CYS A 200 3.17 8.95 14.99
CA CYS A 200 3.83 8.38 16.16
C CYS A 200 4.63 7.17 15.73
N HIS A 201 5.46 6.67 16.65
CA HIS A 201 6.39 5.58 16.34
C HIS A 201 6.98 5.07 17.65
N ILE A 202 8.04 4.26 17.54
CA ILE A 202 8.61 3.57 18.69
C ILE A 202 9.09 4.53 19.77
N LEU A 203 9.46 5.76 19.39
CA LEU A 203 9.98 6.73 20.36
C LEU A 203 8.90 7.64 20.94
N THR A 204 7.63 7.42 20.61
CA THR A 204 6.58 8.27 21.16
C THR A 204 6.37 7.97 22.63
N LYS A 205 6.32 9.02 23.45
CA LYS A 205 6.19 8.82 24.89
C LYS A 205 4.85 8.21 25.26
N ASP A 206 3.76 8.68 24.62
CA ASP A 206 2.42 8.24 25.03
C ASP A 206 1.53 8.24 23.79
N ILE A 207 1.51 7.12 23.08
CA ILE A 207 0.67 6.98 21.89
CA ILE A 207 0.68 7.05 21.89
C ILE A 207 -0.80 7.20 22.22
N SER A 208 -1.22 6.80 23.43
CA SER A 208 -2.63 6.91 23.78
CA SER A 208 -2.63 6.91 23.80
C SER A 208 -3.09 8.36 23.85
N PHE A 209 -2.18 9.29 24.13
CA PHE A 209 -2.55 10.71 24.07
C PHE A 209 -3.13 11.04 22.71
N TYR A 210 -2.45 10.58 21.66
CA TYR A 210 -2.87 10.86 20.29
C TYR A 210 -4.06 10.00 19.88
N THR A 211 -4.07 8.72 20.26
CA THR A 211 -5.14 7.85 19.77
C THR A 211 -6.47 8.14 20.45
N GLN A 212 -6.46 8.52 21.73
CA GLN A 212 -7.74 8.79 22.40
C GLN A 212 -8.44 10.01 21.85
N ASN A 213 -7.70 10.94 21.23
CA ASN A 213 -8.27 12.13 20.60
C ASN A 213 -8.72 11.87 19.18
N ALA A 214 -8.33 10.77 18.57
CA ALA A 214 -8.42 10.64 17.13
C ALA A 214 -9.77 10.12 16.67
N ASP A 215 -10.29 10.73 15.61
CA ASP A 215 -11.42 10.17 14.90
C ASP A 215 -11.04 8.95 14.08
N ILE A 216 -9.81 8.90 13.58
CA ILE A 216 -9.32 7.81 12.76
C ILE A 216 -7.94 7.44 13.28
N VAL A 217 -7.73 6.15 13.58
CA VAL A 217 -6.43 5.62 13.98
C VAL A 217 -6.00 4.62 12.91
N CYS A 218 -4.82 4.84 12.33
CA CYS A 218 -4.22 3.89 11.40
C CYS A 218 -2.90 3.42 12.01
N VAL A 219 -2.75 2.11 12.17
CA VAL A 219 -1.57 1.56 12.81
C VAL A 219 -0.92 0.55 11.88
N GLY A 220 0.40 0.65 11.75
CA GLY A 220 1.14 -0.28 10.93
C GLY A 220 2.57 -0.36 11.41
N VAL A 221 2.78 -1.07 12.51
CA VAL A 221 4.13 -1.25 13.04
C VAL A 221 4.52 -2.70 13.23
N GLY A 222 3.60 -3.65 13.22
CA GLY A 222 3.98 -5.04 13.40
C GLY A 222 4.19 -5.38 14.87
N LYS A 223 3.19 -5.07 15.69
CA LYS A 223 3.22 -5.40 17.10
C LYS A 223 1.81 -5.81 17.53
N PRO A 224 1.56 -7.10 17.73
CA PRO A 224 0.22 -7.55 18.13
C PRO A 224 -0.29 -6.82 19.37
N ASP A 225 -1.56 -6.44 19.35
CA ASP A 225 -2.28 -5.86 20.49
C ASP A 225 -1.72 -4.51 20.92
N LEU A 226 -0.99 -3.82 20.05
CA LEU A 226 -0.50 -2.49 20.41
C LEU A 226 -1.64 -1.53 20.66
N ILE A 227 -2.67 -1.55 19.81
CA ILE A 227 -3.81 -0.65 19.94
C ILE A 227 -4.91 -1.38 20.70
N LYS A 228 -5.19 -0.90 21.90
CA LYS A 228 -6.21 -1.49 22.74
CA LYS A 228 -6.19 -1.46 22.79
C LYS A 228 -7.46 -0.62 22.74
N ALA A 229 -8.59 -1.23 23.11
CA ALA A 229 -9.86 -0.50 23.12
C ALA A 229 -9.78 0.76 23.98
N SER A 230 -9.08 0.69 25.11
CA SER A 230 -8.98 1.82 26.04
CA SER A 230 -9.01 1.82 26.02
C SER A 230 -8.19 2.99 25.45
N MET A 231 -7.53 2.79 24.33
CA MET A 231 -6.77 3.84 23.66
C MET A 231 -7.59 4.58 22.62
N LEU A 232 -8.86 4.20 22.44
CA LEU A 232 -9.66 4.69 21.33
C LEU A 232 -10.78 5.60 21.83
N LYS A 233 -11.14 6.53 20.95
CA LYS A 233 -12.33 7.36 21.14
CA LYS A 233 -12.33 7.34 21.17
C LYS A 233 -13.55 6.54 20.74
N LYS A 234 -14.62 6.63 21.53
CA LYS A 234 -15.85 5.93 21.17
C LYS A 234 -16.28 6.35 19.76
N GLY A 235 -16.54 5.36 18.90
CA GLY A 235 -16.92 5.62 17.53
C GLY A 235 -15.79 5.76 16.54
N ALA A 236 -14.54 5.61 16.99
CA ALA A 236 -13.38 5.82 16.13
C ALA A 236 -13.37 4.85 14.96
N VAL A 237 -12.74 5.30 13.88
CA VAL A 237 -12.42 4.46 12.73
C VAL A 237 -11.03 3.90 12.95
N VAL A 238 -10.89 2.58 12.87
CA VAL A 238 -9.64 1.90 13.17
C VAL A 238 -9.18 1.13 11.94
N VAL A 239 -8.02 1.52 11.41
CA VAL A 239 -7.43 0.89 10.23
C VAL A 239 -6.16 0.16 10.67
N ASP A 240 -6.20 -1.17 10.57
CA ASP A 240 -5.14 -2.04 11.09
C ASP A 240 -4.32 -2.53 9.90
N ILE A 241 -3.15 -1.93 9.72
CA ILE A 241 -2.25 -2.25 8.61
C ILE A 241 -1.26 -3.35 9.01
N GLY A 242 -1.19 -3.69 10.28
CA GLY A 242 -0.26 -4.73 10.69
C GLY A 242 -0.67 -6.09 10.17
N ILE A 243 0.32 -6.91 9.82
CA ILE A 243 0.11 -8.31 9.48
C ILE A 243 1.19 -9.07 10.23
N ASN A 244 0.81 -9.68 11.35
CA ASN A 244 1.75 -10.36 12.24
C ASN A 244 1.50 -11.85 12.15
N HIS A 245 2.52 -12.58 11.70
CA HIS A 245 2.47 -14.05 11.66
C HIS A 245 2.98 -14.55 13.00
N LEU A 246 2.06 -15.05 13.82
CA LEU A 246 2.43 -15.54 15.14
C LEU A 246 3.14 -16.89 15.03
N ASN A 247 3.75 -17.30 16.14
CA ASN A 247 4.50 -18.56 16.15
C ASN A 247 3.60 -19.75 15.87
N ASP A 248 2.34 -19.70 16.33
CA ASP A 248 1.44 -20.83 16.16
C ASP A 248 0.74 -20.85 14.81
N GLY A 249 1.05 -19.92 13.92
CA GLY A 249 0.48 -19.87 12.60
C GLY A 249 -0.61 -18.84 12.41
N ARG A 250 -1.16 -18.32 13.50
CA ARG A 250 -2.19 -17.29 13.40
C ARG A 250 -1.63 -16.02 12.77
N ILE A 251 -2.50 -15.26 12.13
CA ILE A 251 -2.17 -13.95 11.58
C ILE A 251 -3.08 -12.94 12.27
N VAL A 252 -2.47 -12.00 12.98
CA VAL A 252 -3.22 -10.97 13.71
C VAL A 252 -2.67 -9.61 13.33
N GLY A 253 -3.48 -8.58 13.58
CA GLY A 253 -3.08 -7.22 13.30
C GLY A 253 -2.36 -6.60 14.48
N ASP A 254 -2.19 -5.29 14.40
CA ASP A 254 -1.66 -4.50 15.49
C ASP A 254 -2.74 -4.04 16.46
N VAL A 255 -4.02 -4.30 16.16
CA VAL A 255 -5.13 -3.91 17.02
C VAL A 255 -5.64 -5.14 17.75
N ASP A 256 -6.04 -4.96 19.01
CA ASP A 256 -6.78 -5.98 19.75
C ASP A 256 -8.22 -5.94 19.24
N PHE A 257 -8.44 -6.66 18.13
CA PHE A 257 -9.69 -6.56 17.38
C PHE A 257 -10.89 -6.93 18.24
N THR A 258 -10.80 -8.04 18.98
CA THR A 258 -11.94 -8.54 19.73
C THR A 258 -12.45 -7.50 20.72
N ASN A 259 -11.54 -6.84 21.44
CA ASN A 259 -11.96 -5.85 22.43
C ASN A 259 -12.21 -4.49 21.81
N ALA A 260 -11.38 -4.10 20.83
CA ALA A 260 -11.52 -2.78 20.23
C ALA A 260 -12.86 -2.61 19.52
N GLN A 261 -13.45 -3.69 19.03
CA GLN A 261 -14.75 -3.55 18.37
C GLN A 261 -15.86 -3.11 19.31
N LYS A 262 -15.64 -3.19 20.63
CA LYS A 262 -16.61 -2.72 21.60
C LYS A 262 -16.67 -1.20 21.70
N VAL A 263 -15.66 -0.50 21.17
CA VAL A 263 -15.57 0.95 21.24
CA VAL A 263 -15.62 0.95 21.24
C VAL A 263 -15.57 1.58 19.85
N ALA A 264 -14.88 0.94 18.91
CA ALA A 264 -14.74 1.51 17.57
C ALA A 264 -16.09 1.58 16.85
N GLY A 265 -16.22 2.57 15.98
CA GLY A 265 -17.35 2.64 15.08
C GLY A 265 -17.14 1.84 13.80
N PHE A 266 -15.88 1.76 13.35
CA PHE A 266 -15.50 1.04 12.14
C PHE A 266 -14.14 0.41 12.37
N ILE A 267 -13.94 -0.82 11.90
CA ILE A 267 -12.67 -1.49 12.14
C ILE A 267 -12.37 -2.48 11.03
N THR A 268 -11.11 -2.48 10.58
CA THR A 268 -10.64 -3.47 9.60
C THR A 268 -10.29 -4.77 10.29
N PRO A 269 -10.73 -5.91 9.78
CA PRO A 269 -10.20 -7.19 10.26
C PRO A 269 -8.80 -7.42 9.71
N VAL A 270 -8.06 -8.30 10.38
CA VAL A 270 -6.80 -8.79 9.86
C VAL A 270 -6.84 -10.31 10.02
N PRO A 271 -6.60 -11.11 8.97
CA PRO A 271 -6.34 -10.69 7.58
C PRO A 271 -7.64 -10.24 6.90
N LYS A 272 -7.56 -9.96 5.60
CA LYS A 272 -8.71 -9.67 4.74
C LYS A 272 -9.23 -8.24 4.88
N GLY A 273 -8.42 -7.32 5.39
CA GLY A 273 -8.80 -5.93 5.49
C GLY A 273 -7.96 -5.05 4.58
N VAL A 274 -6.89 -4.46 5.13
CA VAL A 274 -6.02 -3.61 4.33
C VAL A 274 -5.26 -4.42 3.28
N GLY A 275 -4.91 -5.67 3.57
CA GLY A 275 -4.11 -6.47 2.67
C GLY A 275 -4.61 -6.55 1.24
N PRO A 276 -5.86 -6.99 1.04
CA PRO A 276 -6.40 -7.03 -0.32
C PRO A 276 -6.48 -5.67 -0.98
N MET A 277 -6.63 -4.61 -0.19
CA MET A 277 -6.67 -3.26 -0.75
C MET A 277 -5.31 -2.81 -1.24
N THR A 278 -4.24 -3.24 -0.57
CA THR A 278 -2.90 -2.95 -1.06
C THR A 278 -2.69 -3.59 -2.43
N ILE A 279 -3.11 -4.85 -2.56
CA ILE A 279 -2.92 -5.56 -3.81
C ILE A 279 -3.70 -4.91 -4.94
N VAL A 280 -4.98 -4.60 -4.70
CA VAL A 280 -5.79 -4.03 -5.77
C VAL A 280 -5.26 -2.64 -6.15
N SER A 281 -4.67 -1.92 -5.20
CA SER A 281 -4.11 -0.61 -5.52
C SER A 281 -2.93 -0.74 -6.48
N LEU A 282 -2.12 -1.79 -6.31
CA LEU A 282 -1.05 -2.06 -7.27
CA LEU A 282 -1.05 -2.03 -7.28
C LEU A 282 -1.63 -2.28 -8.67
N LEU A 283 -2.69 -3.08 -8.76
CA LEU A 283 -3.33 -3.31 -10.06
C LEU A 283 -3.84 -2.01 -10.65
N GLU A 284 -4.49 -1.17 -9.83
CA GLU A 284 -5.01 0.08 -10.34
C GLU A 284 -3.89 0.99 -10.82
N ASN A 285 -2.79 1.05 -10.09
CA ASN A 285 -1.65 1.84 -10.51
C ASN A 285 -1.08 1.36 -11.83
N THR A 286 -1.04 0.04 -12.05
CA THR A 286 -0.54 -0.48 -13.32
C THR A 286 -1.45 -0.08 -14.48
N LEU A 287 -2.77 -0.13 -14.27
CA LEU A 287 -3.69 0.31 -15.30
C LEU A 287 -3.53 1.81 -15.57
N ILE A 288 -3.39 2.61 -14.51
CA ILE A 288 -3.17 4.04 -14.67
C ILE A 288 -1.89 4.29 -15.47
N ALA A 289 -0.82 3.57 -15.13
CA ALA A 289 0.43 3.71 -15.87
C ALA A 289 0.24 3.39 -17.35
N PHE A 290 -0.49 2.31 -17.65
CA PHE A 290 -0.79 1.98 -19.03
C PHE A 290 -1.57 3.09 -19.71
N GLU A 291 -2.64 3.58 -19.06
CA GLU A 291 -3.49 4.57 -19.70
C GLU A 291 -2.73 5.88 -19.96
N LYS A 292 -1.92 6.32 -19.00
CA LYS A 292 -1.14 7.54 -19.19
C LYS A 292 -0.11 7.36 -20.30
N GLN A 293 0.49 6.17 -20.38
CA GLN A 293 1.43 5.87 -21.46
C GLN A 293 0.77 5.94 -22.83
N GLN A 294 -0.48 5.45 -22.95
CA GLN A 294 -1.15 5.48 -24.24
C GLN A 294 -1.50 6.91 -24.66
N ARG A 295 -1.88 7.75 -23.69
CA ARG A 295 -2.24 9.12 -23.99
C ARG A 295 -1.01 9.97 -24.33
N LYS A 296 0.18 9.54 -23.92
CA LYS A 296 1.40 10.30 -24.17
C LYS A 296 2.07 9.87 -25.47
NA NA B . 19.06 1.61 -22.91
NA NA C . -13.39 14.29 3.50
C1 GOL D . 2.96 -5.44 8.64
C1 GOL D . 2.98 -5.47 8.66
O1 GOL D . 3.23 -5.63 10.00
O1 GOL D . 3.18 -5.58 10.04
C2 GOL D . 4.13 -4.63 8.03
C2 GOL D . 3.79 -4.25 8.15
O2 GOL D . 3.87 -4.25 6.72
O2 GOL D . 3.13 -3.61 7.10
C3 GOL D . 4.29 -3.40 8.97
C3 GOL D . 3.96 -3.32 9.38
O3 GOL D . 3.04 -2.81 9.06
O3 GOL D . 5.31 -3.32 9.69
C1 GOL E . -20.08 -5.35 -1.73
O1 GOL E . -21.45 -5.19 -1.55
C2 GOL E . -19.41 -4.02 -1.27
O2 GOL E . -18.14 -3.86 -1.84
C3 GOL E . -19.35 -4.10 0.26
O3 GOL E . -19.52 -2.80 0.77
C1 GOL F . 3.33 -3.61 -2.79
O1 GOL F . 4.66 -3.90 -3.10
C2 GOL F . 3.16 -3.65 -1.27
O2 GOL F . 3.41 -4.92 -0.77
C3 GOL F . 4.13 -2.59 -0.73
O3 GOL F . 5.26 -3.26 -0.25
#